data_6VC1
# 
_entry.id   6VC1 
# 
_audit_conform.dict_name       mmcif_pdbx.dic 
_audit_conform.dict_version    5.398 
_audit_conform.dict_location   http://mmcif.pdb.org/dictionaries/ascii/mmcif_pdbx.dic 
# 
loop_
_database_2.database_id 
_database_2.database_code 
_database_2.pdbx_database_accession 
_database_2.pdbx_DOI 
PDB   6VC1         pdb_00006vc1 10.2210/pdb6vc1/pdb 
WWPDB D_1000246043 ?            ?                   
# 
loop_
_pdbx_audit_revision_history.ordinal 
_pdbx_audit_revision_history.data_content_type 
_pdbx_audit_revision_history.major_revision 
_pdbx_audit_revision_history.minor_revision 
_pdbx_audit_revision_history.revision_date 
1 'Structure model' 1 0 2020-12-23 
2 'Structure model' 1 1 2021-05-19 
3 'Structure model' 1 2 2024-11-06 
# 
_pdbx_audit_revision_details.ordinal             1 
_pdbx_audit_revision_details.revision_ordinal    1 
_pdbx_audit_revision_details.data_content_type   'Structure model' 
_pdbx_audit_revision_details.provider            repository 
_pdbx_audit_revision_details.type                'Initial release' 
_pdbx_audit_revision_details.description         ? 
_pdbx_audit_revision_details.details             ? 
# 
loop_
_pdbx_audit_revision_group.ordinal 
_pdbx_audit_revision_group.revision_ordinal 
_pdbx_audit_revision_group.data_content_type 
_pdbx_audit_revision_group.group 
1 2 'Structure model' 'Database references'        
2 3 'Structure model' 'Author supporting evidence' 
3 3 'Structure model' 'Data collection'            
4 3 'Structure model' 'Database references'        
5 3 'Structure model' 'Structure summary'          
# 
loop_
_pdbx_audit_revision_category.ordinal 
_pdbx_audit_revision_category.revision_ordinal 
_pdbx_audit_revision_category.data_content_type 
_pdbx_audit_revision_category.category 
1 2 'Structure model' citation                  
2 2 'Structure model' citation_author           
3 3 'Structure model' chem_comp_atom            
4 3 'Structure model' chem_comp_bond            
5 3 'Structure model' database_2                
6 3 'Structure model' pdbx_audit_support        
7 3 'Structure model' pdbx_entry_details        
8 3 'Structure model' pdbx_modification_feature 
# 
loop_
_pdbx_audit_revision_item.ordinal 
_pdbx_audit_revision_item.revision_ordinal 
_pdbx_audit_revision_item.data_content_type 
_pdbx_audit_revision_item.item 
1  2 'Structure model' '_citation.country'                            
2  2 'Structure model' '_citation.journal_abbrev'                     
3  2 'Structure model' '_citation.journal_id_ASTM'                    
4  2 'Structure model' '_citation.journal_id_CSD'                     
5  2 'Structure model' '_citation.journal_id_ISSN'                    
6  2 'Structure model' '_citation.journal_volume'                     
7  2 'Structure model' '_citation.page_first'                         
8  2 'Structure model' '_citation.page_last'                          
9  2 'Structure model' '_citation.pdbx_database_id_DOI'               
10 2 'Structure model' '_citation.pdbx_database_id_PubMed'            
11 2 'Structure model' '_citation.title'                              
12 2 'Structure model' '_citation.year'                               
13 2 'Structure model' '_citation_author.identifier_ORCID'            
14 2 'Structure model' '_citation_author.name'                        
15 3 'Structure model' '_database_2.pdbx_DOI'                         
16 3 'Structure model' '_database_2.pdbx_database_accession'          
17 3 'Structure model' '_pdbx_audit_support.country'                  
18 3 'Structure model' '_pdbx_entry_details.has_protein_modification' 
# 
_pdbx_database_status.status_code                     REL 
_pdbx_database_status.status_code_sf                  REL 
_pdbx_database_status.status_code_mr                  ? 
_pdbx_database_status.entry_id                        6VC1 
_pdbx_database_status.recvd_initial_deposition_date   2019-12-20 
_pdbx_database_status.SG_entry                        N 
_pdbx_database_status.deposit_site                    RCSB 
_pdbx_database_status.process_site                    RCSB 
_pdbx_database_status.status_code_cs                  ? 
_pdbx_database_status.status_code_nmr_data            ? 
_pdbx_database_status.methods_development_category    ? 
_pdbx_database_status.pdb_format_compatible           Y 
# 
loop_
_audit_author.name 
_audit_author.pdbx_ordinal 
_audit_author.identifier_ORCID 
'Spiliopoulou, M.'    1  0000-0002-4537-9769 
'Karavassili, F.'     2  0000-0003-4505-6131 
'Triandafillidis, D.' 3  0000-0003-4242-7785 
'Valmas, A.'          4  0000-0003-1696-0551 
'Kosinas, C.'         5  0000-0002-5479-7858 
'Fili, S.'            6  0000-0002-4982-5025 
'Barlos, K.'          7  ?                   
'Barlos, K.K.'        8  ?                   
'Morin, M.'           9  0000-0002-9693-358X 
'Reinle-Schmitt, M.'  10 0000-0003-3382-3751 
'Gozzo, F.'           11 0000-0002-3697-3491 
'Margiolaki, I.'      12 0000-0003-4455-6054 
# 
_citation.abstract                  ? 
_citation.abstract_id_CAS           ? 
_citation.book_id_ISBN              ? 
_citation.book_publisher            ? 
_citation.book_publisher_city       ? 
_citation.book_title                ? 
_citation.coordinate_linkage        ? 
_citation.country                   US 
_citation.database_id_Medline       ? 
_citation.details                   ? 
_citation.id                        primary 
_citation.journal_abbrev            'Acta Crystallogr.,Sect.A' 
_citation.journal_id_ASTM           ACSAD7 
_citation.journal_id_CSD            ? 
_citation.journal_id_ISSN           2053-2733 
_citation.journal_full              ? 
_citation.journal_issue             ? 
_citation.journal_volume            77 
_citation.language                  ? 
_citation.page_first                186 
_citation.page_last                 195 
_citation.title                     
;New perspectives in macromolecular powder diffraction using single-photon-counting strip detectors: high-resolution structure of the pharmaceutical peptide octreotide.
;
_citation.year                      2021 
_citation.database_id_CSD           ? 
_citation.pdbx_database_id_DOI      10.1107/S2053273321001698 
_citation.pdbx_database_id_PubMed   33944797 
_citation.unpublished_flag          ? 
# 
loop_
_citation_author.citation_id 
_citation_author.name 
_citation_author.ordinal 
_citation_author.identifier_ORCID 
primary 'Spiliopoulou, M.'      1  0000-0002-4537-9769 
primary 'Karavassili, F.'       2  0000-0003-4505-6131 
primary 'Triandafillidis, D.P.' 3  0000-0003-4242-7785 
primary 'Valmas, A.'            4  0000-0003-1696-0551 
primary 'Fili, S.'              5  ?                   
primary 'Kosinas, C.'           6  0000-0002-5479-7858 
primary 'Barlos, K.'            7  ?                   
primary 'Barlos, K.K.'          8  ?                   
primary 'Morin, M.'             9  0000-0002-9693-358X 
primary 'Reinle-Schmitt, M.L.'  10 0000-0003-3382-3751 
primary 'Gozzo, F.'             11 0000-0002-3697-3491 
primary 'Margiolaki, I.'        12 0000-0003-4455-6054 
# 
loop_
_entity.id 
_entity.type 
_entity.src_method 
_entity.pdbx_description 
_entity.formula_weight 
_entity.pdbx_number_of_molecules 
_entity.pdbx_ec 
_entity.pdbx_mutation 
_entity.pdbx_fragment 
_entity.details 
1 polymer     syn Octreotide    1036.246 3  ? ? ? ? 
2 non-polymer syn 'OXALATE ION' 88.019   1  ? ? ? ? 
3 water       nat water         18.015   31 ? ? ? ? 
# 
_entity_poly.entity_id                      1 
_entity_poly.type                           'polypeptide(L)' 
_entity_poly.nstd_linkage                   no 
_entity_poly.nstd_monomer                   yes 
_entity_poly.pdbx_seq_one_letter_code       '(DPN)CF(DTR)KTCT' 
_entity_poly.pdbx_seq_one_letter_code_can   FCFWKTCT 
_entity_poly.pdbx_strand_id                 A,B,C 
_entity_poly.pdbx_target_identifier         ? 
# 
loop_
_pdbx_entity_nonpoly.entity_id 
_pdbx_entity_nonpoly.name 
_pdbx_entity_nonpoly.comp_id 
2 'OXALATE ION' OXL 
3 water         HOH 
# 
loop_
_entity_poly_seq.entity_id 
_entity_poly_seq.num 
_entity_poly_seq.mon_id 
_entity_poly_seq.hetero 
1 1 DPN n 
1 2 CYS n 
1 3 PHE n 
1 4 DTR n 
1 5 LYS n 
1 6 THR n 
1 7 CYS n 
1 8 THR n 
# 
_pdbx_entity_src_syn.entity_id              1 
_pdbx_entity_src_syn.pdbx_src_id            1 
_pdbx_entity_src_syn.pdbx_alt_source_flag   sample 
_pdbx_entity_src_syn.pdbx_beg_seq_num       1 
_pdbx_entity_src_syn.pdbx_end_seq_num       8 
_pdbx_entity_src_syn.organism_scientific    unidentified 
_pdbx_entity_src_syn.organism_common_name   ? 
_pdbx_entity_src_syn.ncbi_taxonomy_id       32644 
_pdbx_entity_src_syn.details                ? 
# 
loop_
_chem_comp.id 
_chem_comp.type 
_chem_comp.mon_nstd_flag 
_chem_comp.name 
_chem_comp.pdbx_synonyms 
_chem_comp.formula 
_chem_comp.formula_weight 
CYS 'L-peptide linking' y CYSTEINE        ? 'C3 H7 N O2 S'   121.158 
DPN 'D-peptide linking' . D-PHENYLALANINE ? 'C9 H11 N O2'    165.189 
DTR 'D-peptide linking' . D-TRYPTOPHAN    ? 'C11 H12 N2 O2'  204.225 
HOH non-polymer         . WATER           ? 'H2 O'           18.015  
LYS 'L-peptide linking' y LYSINE          ? 'C6 H15 N2 O2 1' 147.195 
OXL non-polymer         . 'OXALATE ION'   ? 'C2 O4 -2'       88.019  
PHE 'L-peptide linking' y PHENYLALANINE   ? 'C9 H11 N O2'    165.189 
THR 'L-peptide linking' y THREONINE       ? 'C4 H9 N O3'     119.119 
# 
loop_
_pdbx_poly_seq_scheme.asym_id 
_pdbx_poly_seq_scheme.entity_id 
_pdbx_poly_seq_scheme.seq_id 
_pdbx_poly_seq_scheme.mon_id 
_pdbx_poly_seq_scheme.ndb_seq_num 
_pdbx_poly_seq_scheme.pdb_seq_num 
_pdbx_poly_seq_scheme.auth_seq_num 
_pdbx_poly_seq_scheme.pdb_mon_id 
_pdbx_poly_seq_scheme.auth_mon_id 
_pdbx_poly_seq_scheme.pdb_strand_id 
_pdbx_poly_seq_scheme.pdb_ins_code 
_pdbx_poly_seq_scheme.hetero 
A 1 1 DPN 1 1 1 DPN DPN A . n 
A 1 2 CYS 2 2 2 CYS CYS A . n 
A 1 3 PHE 3 3 3 PHE PHE A . n 
A 1 4 DTR 4 4 4 DTR DTR A . n 
A 1 5 LYS 5 5 5 LYS LYS A . n 
A 1 6 THR 6 6 6 THR THR A . n 
A 1 7 CYS 7 7 7 CYS CYS A . n 
A 1 8 THR 8 8 8 THR THR A . n 
B 1 1 DPN 1 1 1 DPN DPN B . n 
B 1 2 CYS 2 2 2 CYS CYS B . n 
B 1 3 PHE 3 3 3 PHE PHE B . n 
B 1 4 DTR 4 4 4 DTR DTR B . n 
B 1 5 LYS 5 5 5 LYS LYS B . n 
B 1 6 THR 6 6 6 THR THR B . n 
B 1 7 CYS 7 7 7 CYS CYS B . n 
B 1 8 THR 8 8 8 THR THR B . n 
C 1 1 DPN 1 1 1 DPN DPN C . n 
C 1 2 CYS 2 2 2 CYS CYS C . n 
C 1 3 PHE 3 3 3 PHE PHE C . n 
C 1 4 DTR 4 4 4 DTR DTR C . n 
C 1 5 LYS 5 5 5 LYS LYS C . n 
C 1 6 THR 6 6 6 THR THR C . n 
C 1 7 CYS 7 7 7 CYS CYS C . n 
C 1 8 THR 8 8 8 THR THR C . n 
# 
loop_
_pdbx_nonpoly_scheme.asym_id 
_pdbx_nonpoly_scheme.entity_id 
_pdbx_nonpoly_scheme.mon_id 
_pdbx_nonpoly_scheme.ndb_seq_num 
_pdbx_nonpoly_scheme.pdb_seq_num 
_pdbx_nonpoly_scheme.auth_seq_num 
_pdbx_nonpoly_scheme.pdb_mon_id 
_pdbx_nonpoly_scheme.auth_mon_id 
_pdbx_nonpoly_scheme.pdb_strand_id 
_pdbx_nonpoly_scheme.pdb_ins_code 
D 2 OXL 1  101 51 OXL OXL A . 
E 3 HOH 1  201 47 HOH HOH A . 
E 3 HOH 2  202 19 HOH HOH A . 
E 3 HOH 3  203 46 HOH HOH A . 
E 3 HOH 4  204 8  HOH HOH A . 
E 3 HOH 5  205 10 HOH HOH A . 
E 3 HOH 6  206 48 HOH HOH A . 
E 3 HOH 7  207 33 HOH HOH A . 
E 3 HOH 8  208 38 HOH HOH A . 
E 3 HOH 9  209 24 HOH HOH A . 
E 3 HOH 10 210 27 HOH HOH A . 
F 3 HOH 1  101 4  HOH HOH B . 
F 3 HOH 2  102 42 HOH HOH B . 
F 3 HOH 3  103 29 HOH HOH B . 
F 3 HOH 4  104 18 HOH HOH B . 
F 3 HOH 5  105 49 HOH HOH B . 
G 3 HOH 1  101 1  HOH HOH C . 
G 3 HOH 2  102 39 HOH HOH C . 
G 3 HOH 3  103 14 HOH HOH C . 
G 3 HOH 4  104 37 HOH HOH C . 
G 3 HOH 5  105 12 HOH HOH C . 
G 3 HOH 6  106 16 HOH HOH C . 
G 3 HOH 7  107 45 HOH HOH C . 
G 3 HOH 8  108 43 HOH HOH C . 
G 3 HOH 9  109 40 HOH HOH C . 
G 3 HOH 10 110 2  HOH HOH C . 
G 3 HOH 11 111 36 HOH HOH C . 
G 3 HOH 12 112 44 HOH HOH C . 
G 3 HOH 13 113 41 HOH HOH C . 
G 3 HOH 14 114 22 HOH HOH C . 
G 3 HOH 15 115 35 HOH HOH C . 
G 3 HOH 16 116 15 HOH HOH C . 
# 
_software.citation_id            ? 
_software.classification         refinement 
_software.compiler_name          ? 
_software.compiler_version       ? 
_software.contact_author         'A.C. Larson, R.B. Von Dreele' 
_software.contact_author_email   ? 
_software.date                   2014 
_software.description            'General Structure Analysis System' 
_software.dependencies           ? 
_software.hardware               ? 
_software.language               ? 
_software.location               ? 
_software.mods                   ? 
_software.name                   GSAS 
_software.os                     ? 
_software.os_version             ? 
_software.type                   ? 
_software.version                . 
_software.pdbx_ordinal           1 
# 
_cell.angle_alpha                  90.00 
_cell.angle_alpha_esd              ? 
_cell.angle_beta                   90.00 
_cell.angle_beta_esd               ? 
_cell.angle_gamma                  90.00 
_cell.angle_gamma_esd              ? 
_cell.entry_id                     6VC1 
_cell.details                      ? 
_cell.formula_units_Z              ? 
_cell.length_a                     18.529 
_cell.length_a_esd                 ? 
_cell.length_b                     30.288 
_cell.length_b_esd                 ? 
_cell.length_c                     39.731 
_cell.length_c_esd                 ? 
_cell.volume                       ? 
_cell.volume_esd                   ? 
_cell.Z_PDB                        12 
_cell.reciprocal_angle_alpha       ? 
_cell.reciprocal_angle_beta        ? 
_cell.reciprocal_angle_gamma       ? 
_cell.reciprocal_angle_alpha_esd   ? 
_cell.reciprocal_angle_beta_esd    ? 
_cell.reciprocal_angle_gamma_esd   ? 
_cell.reciprocal_length_a          ? 
_cell.reciprocal_length_b          ? 
_cell.reciprocal_length_c          ? 
_cell.reciprocal_length_a_esd      ? 
_cell.reciprocal_length_b_esd      ? 
_cell.reciprocal_length_c_esd      ? 
_cell.pdbx_unique_axis             ? 
# 
_symmetry.entry_id                         6VC1 
_symmetry.cell_setting                     ? 
_symmetry.Int_Tables_number                19 
_symmetry.space_group_name_Hall            'P 2ac 2ab' 
_symmetry.space_group_name_H-M             'P 21 21 21' 
_symmetry.pdbx_full_space_group_name_H-M   ? 
# 
_exptl.absorpt_coefficient_mu     ? 
_exptl.absorpt_correction_T_max   ? 
_exptl.absorpt_correction_T_min   ? 
_exptl.absorpt_correction_type    ? 
_exptl.absorpt_process_details    ? 
_exptl.entry_id                   6VC1 
_exptl.crystals_number            2 
_exptl.details                    ? 
_exptl.method                     'POWDER DIFFRACTION' 
_exptl.method_details             ? 
# 
loop_
_exptl_crystal.colour 
_exptl_crystal.density_diffrn 
_exptl_crystal.density_Matthews 
_exptl_crystal.density_method 
_exptl_crystal.density_percent_sol 
_exptl_crystal.description 
_exptl_crystal.F_000 
_exptl_crystal.id 
_exptl_crystal.preparation 
_exptl_crystal.size_max 
_exptl_crystal.size_mid 
_exptl_crystal.size_min 
_exptl_crystal.size_rad 
_exptl_crystal.colour_lustre 
_exptl_crystal.colour_modifier 
_exptl_crystal.colour_primary 
_exptl_crystal.density_meas 
_exptl_crystal.density_meas_esd 
_exptl_crystal.density_meas_gt 
_exptl_crystal.density_meas_lt 
_exptl_crystal.density_meas_temp 
_exptl_crystal.density_meas_temp_esd 
_exptl_crystal.density_meas_temp_gt 
_exptl_crystal.density_meas_temp_lt 
_exptl_crystal.pdbx_crystal_image_url 
_exptl_crystal.pdbx_crystal_image_format 
_exptl_crystal.pdbx_mosaicity 
_exptl_crystal.pdbx_mosaicity_esd 
? ? 1.82 ? 32.5 ? ? 1 ? ? ? ? ? ? ? ? ? ? ? ? ? ? ? ? ? ? ? ? 
? ? 1.82 ? 32.5 ? ? 2 ? ? ? ? ? ? ? ? ? ? ? ? ? ? ? ? ? ? ? ? 
# 
loop_
_exptl_crystal_grow.apparatus 
_exptl_crystal_grow.atmosphere 
_exptl_crystal_grow.crystal_id 
_exptl_crystal_grow.details 
_exptl_crystal_grow.method 
_exptl_crystal_grow.method_ref 
_exptl_crystal_grow.pH 
_exptl_crystal_grow.pressure 
_exptl_crystal_grow.pressure_esd 
_exptl_crystal_grow.seeding 
_exptl_crystal_grow.seeding_ref 
_exptl_crystal_grow.temp 
_exptl_crystal_grow.temp_details 
_exptl_crystal_grow.temp_esd 
_exptl_crystal_grow.time 
_exptl_crystal_grow.pdbx_details 
_exptl_crystal_grow.pdbx_pH_range 
? ? 1 ? 'EVAPORATION, RECRYSTALLIZATION' ? ? ? ? ? ? 298 ? ? ? 
;0.2 M oxalic acid
434 mg mL-1 octreotide acetate
322.8 K until almost complete evaporation

Redesolution in ddH2O
298 K until almost complete evaporation
Repeat until crystal formation
;
? 
? ? 2 ? 'EVAPORATION, RECRYSTALLIZATION' ? ? ? ? ? ? 298 ? ? ? 
;0.2 M oxalic acid
500 mg mL-1 octreotide acetate
322.8 K until almost complete evaporation

Redesolution in ddH2O
298 K until almost complete evaporation
Repeat until crystal formation
;
? 
# 
_diffrn.ambient_environment              ? 
_diffrn.ambient_temp                     293 
_diffrn.ambient_temp_details             ? 
_diffrn.ambient_temp_esd                 ? 
_diffrn.crystal_id                       1 
_diffrn.crystal_support                  ? 
_diffrn.crystal_treatment                ? 
_diffrn.details                          ? 
_diffrn.id                               1 
_diffrn.ambient_pressure                 ? 
_diffrn.ambient_pressure_esd             ? 
_diffrn.ambient_pressure_gt              ? 
_diffrn.ambient_pressure_lt              ? 
_diffrn.ambient_temp_gt                  ? 
_diffrn.ambient_temp_lt                  ? 
_diffrn.pdbx_serial_crystal_experiment   N 
# 
_diffrn_detector.details                      ? 
_diffrn_detector.detector                     PIXEL 
_diffrn_detector.diffrn_id                    1 
_diffrn_detector.type                         'MYTHEN II Silicon Solid State 1D detector system' 
_diffrn_detector.area_resol_mean              ? 
_diffrn_detector.dtime                        ? 
_diffrn_detector.pdbx_frames_total            ? 
_diffrn_detector.pdbx_collection_time_total   ? 
_diffrn_detector.pdbx_collection_date         2018-09-12 
_diffrn_detector.pdbx_frequency               ? 
# 
_diffrn_radiation.collimation                      ? 
_diffrn_radiation.diffrn_id                        1 
_diffrn_radiation.filter_edge                      ? 
_diffrn_radiation.inhomogeneity                    ? 
_diffrn_radiation.monochromator                    ? 
_diffrn_radiation.polarisn_norm                    ? 
_diffrn_radiation.polarisn_ratio                   ? 
_diffrn_radiation.probe                            ? 
_diffrn_radiation.type                             ? 
_diffrn_radiation.xray_symbol                      ? 
_diffrn_radiation.wavelength_id                    1 
_diffrn_radiation.pdbx_monochromatic_or_laue_m_l   M 
_diffrn_radiation.pdbx_wavelength_list             ? 
_diffrn_radiation.pdbx_wavelength                  ? 
_diffrn_radiation.pdbx_diffrn_protocol             'SINGLE WAVELENGTH' 
_diffrn_radiation.pdbx_analyzer                    ? 
_diffrn_radiation.pdbx_scattering_type             x-ray 
# 
_diffrn_radiation_wavelength.id           1 
_diffrn_radiation_wavelength.wavelength   1.3004392 
_diffrn_radiation_wavelength.wt           1.0 
# 
_diffrn_source.current                     ? 
_diffrn_source.details                     ? 
_diffrn_source.diffrn_id                   1 
_diffrn_source.power                       ? 
_diffrn_source.size                        ? 
_diffrn_source.source                      SYNCHROTRON 
_diffrn_source.target                      ? 
_diffrn_source.type                        'SLS BEAMLINE X04SA' 
_diffrn_source.voltage                     ? 
_diffrn_source.take-off_angle              ? 
_diffrn_source.pdbx_wavelength_list        1.3004392 
_diffrn_source.pdbx_wavelength             ? 
_diffrn_source.pdbx_synchrotron_beamline   ? 
_diffrn_source.pdbx_synchrotron_site       ? 
# 
_reflns.B_iso_Wilson_estimate            ? 
_reflns.entry_id                         6VC1 
_reflns.data_reduction_details           ? 
_reflns.data_reduction_method            ? 
_reflns.d_resolution_high                ? 
_reflns.d_resolution_low                 ? 
_reflns.details                          ? 
_reflns.limit_h_max                      ? 
_reflns.limit_h_min                      ? 
_reflns.limit_k_max                      ? 
_reflns.limit_k_min                      ? 
_reflns.limit_l_max                      ? 
_reflns.limit_l_min                      ? 
_reflns.number_all                       ? 
_reflns.number_obs                       ? 
_reflns.observed_criterion               ? 
_reflns.observed_criterion_F_max         ? 
_reflns.observed_criterion_F_min         ? 
_reflns.observed_criterion_I_max         ? 
_reflns.observed_criterion_I_min         ? 
_reflns.observed_criterion_sigma_F       ? 
_reflns.observed_criterion_sigma_I       ? 
_reflns.percent_possible_obs             ? 
_reflns.R_free_details                   ? 
_reflns.Rmerge_F_all                     ? 
_reflns.Rmerge_F_obs                     ? 
_reflns.Friedel_coverage                 ? 
_reflns.number_gt                        ? 
_reflns.threshold_expression             ? 
_reflns.pdbx_redundancy                  ? 
_reflns.pdbx_Rmerge_I_obs                ? 
_reflns.pdbx_Rmerge_I_all                ? 
_reflns.pdbx_Rsym_value                  ? 
_reflns.pdbx_netI_over_av_sigmaI         ? 
_reflns.pdbx_netI_over_sigmaI            ? 
_reflns.pdbx_res_netI_over_av_sigmaI_2   ? 
_reflns.pdbx_res_netI_over_sigmaI_2      ? 
_reflns.pdbx_chi_squared                 ? 
_reflns.pdbx_scaling_rejects             ? 
_reflns.pdbx_d_res_high_opt              ? 
_reflns.pdbx_d_res_low_opt               ? 
_reflns.pdbx_d_res_opt_method            ? 
_reflns.phase_calculation_details        ? 
_reflns.pdbx_Rrim_I_all                  ? 
_reflns.pdbx_Rpim_I_all                  ? 
_reflns.pdbx_d_opt                       ? 
_reflns.pdbx_number_measured_all         ? 
_reflns.pdbx_diffrn_id                   1 
_reflns.pdbx_ordinal                     1 
_reflns.pdbx_CC_half                     ? 
_reflns.pdbx_CC_star                     ? 
_reflns.pdbx_R_split                     ? 
# 
_reflns_shell.d_res_high                  . 
_reflns_shell.d_res_low                   ? 
_reflns_shell.meanI_over_sigI_all         ? 
_reflns_shell.meanI_over_sigI_obs         ? 
_reflns_shell.number_measured_all         ? 
_reflns_shell.number_measured_obs         ? 
_reflns_shell.number_possible             ? 
_reflns_shell.number_unique_all           ? 
_reflns_shell.number_unique_obs           ? 
_reflns_shell.percent_possible_all        ? 
_reflns_shell.percent_possible_obs        ? 
_reflns_shell.Rmerge_F_all                ? 
_reflns_shell.Rmerge_F_obs                ? 
_reflns_shell.Rmerge_I_all                ? 
_reflns_shell.Rmerge_I_obs                ? 
_reflns_shell.meanI_over_sigI_gt          ? 
_reflns_shell.meanI_over_uI_all           ? 
_reflns_shell.meanI_over_uI_gt            ? 
_reflns_shell.number_measured_gt          ? 
_reflns_shell.number_unique_gt            ? 
_reflns_shell.percent_possible_gt         ? 
_reflns_shell.Rmerge_F_gt                 ? 
_reflns_shell.Rmerge_I_gt                 ? 
_reflns_shell.pdbx_redundancy             ? 
_reflns_shell.pdbx_Rsym_value             ? 
_reflns_shell.pdbx_chi_squared            ? 
_reflns_shell.pdbx_netI_over_sigmaI_all   ? 
_reflns_shell.pdbx_netI_over_sigmaI_obs   ? 
_reflns_shell.pdbx_Rrim_I_all             ? 
_reflns_shell.pdbx_Rpim_I_all             ? 
_reflns_shell.pdbx_rejects                ? 
_reflns_shell.pdbx_ordinal                1 
_reflns_shell.pdbx_diffrn_id              1 
_reflns_shell.pdbx_CC_half                ? 
_reflns_shell.pdbx_CC_star                ? 
_reflns_shell.pdbx_R_split                ? 
# 
_struct.entry_id                     6VC1 
_struct.title                        'Octreotide oxalate' 
_struct.pdbx_model_details           ? 
_struct.pdbx_formula_weight          ? 
_struct.pdbx_formula_weight_method   ? 
_struct.pdbx_model_type_details      ? 
_struct.pdbx_CASP_flag               N 
# 
_struct_keywords.entry_id        6VC1 
_struct_keywords.text            'octreotide, de novo protein; somatostatin-14 analogue, DE NOVO PROTEIN' 
_struct_keywords.pdbx_keywords   'DE NOVO PROTEIN' 
# 
loop_
_struct_asym.id 
_struct_asym.pdbx_blank_PDB_chainid_flag 
_struct_asym.pdbx_modified 
_struct_asym.entity_id 
_struct_asym.details 
A N N 1 ? 
B N N 1 ? 
C N N 1 ? 
D N N 2 ? 
E N N 3 ? 
F N N 3 ? 
G N N 3 ? 
# 
_struct_ref.id                         1 
_struct_ref.db_name                    PDB 
_struct_ref.db_code                    6VC1 
_struct_ref.pdbx_db_accession          6VC1 
_struct_ref.pdbx_db_isoform            ? 
_struct_ref.entity_id                  1 
_struct_ref.pdbx_seq_one_letter_code   ? 
_struct_ref.pdbx_align_begin           1 
# 
loop_
_struct_ref_seq.align_id 
_struct_ref_seq.ref_id 
_struct_ref_seq.pdbx_PDB_id_code 
_struct_ref_seq.pdbx_strand_id 
_struct_ref_seq.seq_align_beg 
_struct_ref_seq.pdbx_seq_align_beg_ins_code 
_struct_ref_seq.seq_align_end 
_struct_ref_seq.pdbx_seq_align_end_ins_code 
_struct_ref_seq.pdbx_db_accession 
_struct_ref_seq.db_align_beg 
_struct_ref_seq.pdbx_db_align_beg_ins_code 
_struct_ref_seq.db_align_end 
_struct_ref_seq.pdbx_db_align_end_ins_code 
_struct_ref_seq.pdbx_auth_seq_align_beg 
_struct_ref_seq.pdbx_auth_seq_align_end 
1 1 6VC1 A 1 ? 8 ? 6VC1 1 ? 8 ? 1 8 
2 1 6VC1 B 1 ? 8 ? 6VC1 1 ? 8 ? 1 8 
3 1 6VC1 C 1 ? 8 ? 6VC1 1 ? 8 ? 1 8 
# 
loop_
_pdbx_struct_assembly.id 
_pdbx_struct_assembly.details 
_pdbx_struct_assembly.method_details 
_pdbx_struct_assembly.oligomeric_details 
_pdbx_struct_assembly.oligomeric_count 
1 author_defined_assembly ? monomeric 1 
2 author_defined_assembly ? monomeric 1 
3 author_defined_assembly ? monomeric 1 
# 
loop_
_pdbx_struct_assembly_gen.assembly_id 
_pdbx_struct_assembly_gen.oper_expression 
_pdbx_struct_assembly_gen.asym_id_list 
1 1 A,D,E 
2 1 B,F   
3 1 C,G   
# 
_pdbx_struct_assembly_auth_evidence.id                     1 
_pdbx_struct_assembly_auth_evidence.assembly_id            1 
_pdbx_struct_assembly_auth_evidence.experimental_support   none 
_pdbx_struct_assembly_auth_evidence.details                ? 
# 
_pdbx_struct_oper_list.id                   1 
_pdbx_struct_oper_list.type                 'identity operation' 
_pdbx_struct_oper_list.name                 1_555 
_pdbx_struct_oper_list.symmetry_operation   x,y,z 
_pdbx_struct_oper_list.matrix[1][1]         1.0000000000 
_pdbx_struct_oper_list.matrix[1][2]         0.0000000000 
_pdbx_struct_oper_list.matrix[1][3]         0.0000000000 
_pdbx_struct_oper_list.vector[1]            0.0000000000 
_pdbx_struct_oper_list.matrix[2][1]         0.0000000000 
_pdbx_struct_oper_list.matrix[2][2]         1.0000000000 
_pdbx_struct_oper_list.matrix[2][3]         0.0000000000 
_pdbx_struct_oper_list.vector[2]            0.0000000000 
_pdbx_struct_oper_list.matrix[3][1]         0.0000000000 
_pdbx_struct_oper_list.matrix[3][2]         0.0000000000 
_pdbx_struct_oper_list.matrix[3][3]         1.0000000000 
_pdbx_struct_oper_list.vector[3]            0.0000000000 
# 
loop_
_struct_conf.conf_type_id 
_struct_conf.id 
_struct_conf.pdbx_PDB_helix_id 
_struct_conf.beg_label_comp_id 
_struct_conf.beg_label_asym_id 
_struct_conf.beg_label_seq_id 
_struct_conf.pdbx_beg_PDB_ins_code 
_struct_conf.end_label_comp_id 
_struct_conf.end_label_asym_id 
_struct_conf.end_label_seq_id 
_struct_conf.pdbx_end_PDB_ins_code 
_struct_conf.beg_auth_comp_id 
_struct_conf.beg_auth_asym_id 
_struct_conf.beg_auth_seq_id 
_struct_conf.end_auth_comp_id 
_struct_conf.end_auth_asym_id 
_struct_conf.end_auth_seq_id 
_struct_conf.pdbx_PDB_helix_class 
_struct_conf.details 
_struct_conf.pdbx_PDB_helix_length 
HELX_P HELX_P1 AA1 LYS B 5 ? CYS B 7 ? LYS B 5 CYS B 7 5 ? 3 
HELX_P HELX_P2 AA2 PHE C 3 ? THR C 8 ? PHE C 3 THR C 8 5 ? 6 
# 
_struct_conf_type.id          HELX_P 
_struct_conf_type.criteria    ? 
_struct_conf_type.reference   ? 
# 
loop_
_struct_conn.id 
_struct_conn.conn_type_id 
_struct_conn.pdbx_leaving_atom_flag 
_struct_conn.pdbx_PDB_id 
_struct_conn.ptnr1_label_asym_id 
_struct_conn.ptnr1_label_comp_id 
_struct_conn.ptnr1_label_seq_id 
_struct_conn.ptnr1_label_atom_id 
_struct_conn.pdbx_ptnr1_label_alt_id 
_struct_conn.pdbx_ptnr1_PDB_ins_code 
_struct_conn.pdbx_ptnr1_standard_comp_id 
_struct_conn.ptnr1_symmetry 
_struct_conn.ptnr2_label_asym_id 
_struct_conn.ptnr2_label_comp_id 
_struct_conn.ptnr2_label_seq_id 
_struct_conn.ptnr2_label_atom_id 
_struct_conn.pdbx_ptnr2_label_alt_id 
_struct_conn.pdbx_ptnr2_PDB_ins_code 
_struct_conn.ptnr1_auth_asym_id 
_struct_conn.ptnr1_auth_comp_id 
_struct_conn.ptnr1_auth_seq_id 
_struct_conn.ptnr2_auth_asym_id 
_struct_conn.ptnr2_auth_comp_id 
_struct_conn.ptnr2_auth_seq_id 
_struct_conn.ptnr2_symmetry 
_struct_conn.pdbx_ptnr3_label_atom_id 
_struct_conn.pdbx_ptnr3_label_seq_id 
_struct_conn.pdbx_ptnr3_label_comp_id 
_struct_conn.pdbx_ptnr3_label_asym_id 
_struct_conn.pdbx_ptnr3_label_alt_id 
_struct_conn.pdbx_ptnr3_PDB_ins_code 
_struct_conn.details 
_struct_conn.pdbx_dist_value 
_struct_conn.pdbx_value_order 
_struct_conn.pdbx_role 
disulf1 disulf ?    ? A CYS 2 SG ? ? ? 1_555 A CYS 7 SG ? ? A CYS 2 A CYS 7 1_555 ? ? ? ? ? ? ? 1.992 ? ? 
disulf2 disulf ?    ? B CYS 2 SG ? ? ? 1_555 B CYS 7 SG ? ? B CYS 2 B CYS 7 1_555 ? ? ? ? ? ? ? 2.050 ? ? 
disulf3 disulf ?    ? C CYS 2 SG ? ? ? 1_555 C CYS 7 SG ? ? C CYS 2 C CYS 7 1_555 ? ? ? ? ? ? ? 2.029 ? ? 
covale1 covale both ? A DPN 1 C  ? ? ? 1_555 A CYS 2 N  ? ? A DPN 1 A CYS 2 1_555 ? ? ? ? ? ? ? 1.331 ? ? 
covale2 covale both ? A PHE 3 C  ? ? ? 1_555 A DTR 4 N  ? ? A PHE 3 A DTR 4 1_555 ? ? ? ? ? ? ? 1.327 ? ? 
covale3 covale both ? A DTR 4 C  ? ? ? 1_555 A LYS 5 N  ? ? A DTR 4 A LYS 5 1_555 ? ? ? ? ? ? ? 1.331 ? ? 
covale4 covale both ? B DPN 1 C  ? ? ? 1_555 B CYS 2 N  ? ? B DPN 1 B CYS 2 1_555 ? ? ? ? ? ? ? 1.322 ? ? 
covale5 covale both ? B PHE 3 C  ? ? ? 1_555 B DTR 4 N  ? ? B PHE 3 B DTR 4 1_555 ? ? ? ? ? ? ? 1.324 ? ? 
covale6 covale both ? B DTR 4 C  ? ? ? 1_555 B LYS 5 N  ? ? B DTR 4 B LYS 5 1_555 ? ? ? ? ? ? ? 1.322 ? ? 
covale7 covale both ? C DPN 1 C  ? ? ? 1_555 C CYS 2 N  ? ? C DPN 1 C CYS 2 1_555 ? ? ? ? ? ? ? 1.323 ? ? 
covale8 covale both ? C PHE 3 C  ? ? ? 1_555 C DTR 4 N  ? ? C PHE 3 C DTR 4 1_555 ? ? ? ? ? ? ? 1.331 ? ? 
covale9 covale both ? C DTR 4 C  ? ? ? 1_555 C LYS 5 N  ? ? C DTR 4 C LYS 5 1_555 ? ? ? ? ? ? ? 1.326 ? ? 
# 
loop_
_struct_conn_type.id 
_struct_conn_type.criteria 
_struct_conn_type.reference 
disulf ? ? 
covale ? ? 
# 
loop_
_pdbx_modification_feature.ordinal 
_pdbx_modification_feature.label_comp_id 
_pdbx_modification_feature.label_asym_id 
_pdbx_modification_feature.label_seq_id 
_pdbx_modification_feature.label_alt_id 
_pdbx_modification_feature.modified_residue_label_comp_id 
_pdbx_modification_feature.modified_residue_label_asym_id 
_pdbx_modification_feature.modified_residue_label_seq_id 
_pdbx_modification_feature.modified_residue_label_alt_id 
_pdbx_modification_feature.auth_comp_id 
_pdbx_modification_feature.auth_asym_id 
_pdbx_modification_feature.auth_seq_id 
_pdbx_modification_feature.PDB_ins_code 
_pdbx_modification_feature.symmetry 
_pdbx_modification_feature.modified_residue_auth_comp_id 
_pdbx_modification_feature.modified_residue_auth_asym_id 
_pdbx_modification_feature.modified_residue_auth_seq_id 
_pdbx_modification_feature.modified_residue_PDB_ins_code 
_pdbx_modification_feature.modified_residue_symmetry 
_pdbx_modification_feature.comp_id_linking_atom 
_pdbx_modification_feature.modified_residue_id_linking_atom 
_pdbx_modification_feature.modified_residue_id 
_pdbx_modification_feature.ref_pcm_id 
_pdbx_modification_feature.ref_comp_id 
_pdbx_modification_feature.type 
_pdbx_modification_feature.category 
1 CYS A 2 ? CYS A 7 ? CYS A 2 ? 1_555 CYS A 7 ? 1_555 SG SG . . . None 'Disulfide bridge' 
2 CYS B 2 ? CYS B 7 ? CYS B 2 ? 1_555 CYS B 7 ? 1_555 SG SG . . . None 'Disulfide bridge' 
3 CYS C 2 ? CYS C 7 ? CYS C 2 ? 1_555 CYS C 7 ? 1_555 SG SG . . . None 'Disulfide bridge' 
# 
_struct_sheet.id               AA1 
_struct_sheet.type             ? 
_struct_sheet.number_strands   3 
_struct_sheet.details          ? 
# 
loop_
_struct_sheet_order.sheet_id 
_struct_sheet_order.range_id_1 
_struct_sheet_order.range_id_2 
_struct_sheet_order.offset 
_struct_sheet_order.sense 
AA1 1 2 ? anti-parallel 
AA1 2 3 ? anti-parallel 
# 
loop_
_struct_sheet_range.sheet_id 
_struct_sheet_range.id 
_struct_sheet_range.beg_label_comp_id 
_struct_sheet_range.beg_label_asym_id 
_struct_sheet_range.beg_label_seq_id 
_struct_sheet_range.pdbx_beg_PDB_ins_code 
_struct_sheet_range.end_label_comp_id 
_struct_sheet_range.end_label_asym_id 
_struct_sheet_range.end_label_seq_id 
_struct_sheet_range.pdbx_end_PDB_ins_code 
_struct_sheet_range.beg_auth_comp_id 
_struct_sheet_range.beg_auth_asym_id 
_struct_sheet_range.beg_auth_seq_id 
_struct_sheet_range.end_auth_comp_id 
_struct_sheet_range.end_auth_asym_id 
_struct_sheet_range.end_auth_seq_id 
AA1 1 CYS A 2 ? PHE A 3 ? CYS A 2 PHE A 3 
AA1 2 THR A 6 ? CYS A 7 ? THR A 6 CYS A 7 
AA1 3 CYS B 2 ? PHE B 3 ? CYS B 2 PHE B 3 
# 
loop_
_pdbx_struct_sheet_hbond.sheet_id 
_pdbx_struct_sheet_hbond.range_id_1 
_pdbx_struct_sheet_hbond.range_id_2 
_pdbx_struct_sheet_hbond.range_1_label_atom_id 
_pdbx_struct_sheet_hbond.range_1_label_comp_id 
_pdbx_struct_sheet_hbond.range_1_label_asym_id 
_pdbx_struct_sheet_hbond.range_1_label_seq_id 
_pdbx_struct_sheet_hbond.range_1_PDB_ins_code 
_pdbx_struct_sheet_hbond.range_1_auth_atom_id 
_pdbx_struct_sheet_hbond.range_1_auth_comp_id 
_pdbx_struct_sheet_hbond.range_1_auth_asym_id 
_pdbx_struct_sheet_hbond.range_1_auth_seq_id 
_pdbx_struct_sheet_hbond.range_2_label_atom_id 
_pdbx_struct_sheet_hbond.range_2_label_comp_id 
_pdbx_struct_sheet_hbond.range_2_label_asym_id 
_pdbx_struct_sheet_hbond.range_2_label_seq_id 
_pdbx_struct_sheet_hbond.range_2_PDB_ins_code 
_pdbx_struct_sheet_hbond.range_2_auth_atom_id 
_pdbx_struct_sheet_hbond.range_2_auth_comp_id 
_pdbx_struct_sheet_hbond.range_2_auth_asym_id 
_pdbx_struct_sheet_hbond.range_2_auth_seq_id 
AA1 1 2 N PHE A 3 ? N PHE A 3 O THR A 6 ? O THR A 6 
AA1 2 3 N CYS A 7 ? N CYS A 7 O CYS B 2 ? O CYS B 2 
# 
loop_
_struct_site.id 
_struct_site.pdbx_evidence_code 
_struct_site.pdbx_auth_asym_id 
_struct_site.pdbx_auth_comp_id 
_struct_site.pdbx_auth_seq_id 
_struct_site.pdbx_auth_ins_code 
_struct_site.pdbx_num_residues 
_struct_site.details 
AC1 Software A OXL 101 ? 6 'binding site for residue OXL A 101'              
AC2 Software B DPN 1   ? 7 'binding site for Di-peptide DPN B 1 and CYS B 2' 
AC3 Software B PHE 3   ? 9 'binding site for Di-peptide PHE B 3 and DTR B 4' 
AC4 Software B DTR 4   ? 8 'binding site for Di-peptide DTR B 4 and LYS B 5' 
AC5 Software C DPN 1   ? 8 'binding site for Di-peptide DPN C 1 and CYS C 2' 
AC6 Software C PHE 3   ? 7 'binding site for Di-peptide PHE C 3 and DTR C 4' 
AC7 Software C DTR 4   ? 9 'binding site for Di-peptide DTR C 4 and LYS C 5' 
# 
loop_
_struct_site_gen.id 
_struct_site_gen.site_id 
_struct_site_gen.pdbx_num_res 
_struct_site_gen.label_comp_id 
_struct_site_gen.label_asym_id 
_struct_site_gen.label_seq_id 
_struct_site_gen.pdbx_auth_ins_code 
_struct_site_gen.auth_comp_id 
_struct_site_gen.auth_asym_id 
_struct_site_gen.auth_seq_id 
_struct_site_gen.label_atom_id 
_struct_site_gen.label_alt_id 
_struct_site_gen.symmetry 
_struct_site_gen.details 
1  AC1 6 PHE A 3 ? PHE A 3   . ? 1_555 ? 
2  AC1 6 THR A 8 ? THR A 8   . ? 1_555 ? 
3  AC1 6 HOH E . ? HOH A 202 . ? 1_555 ? 
4  AC1 6 HOH E . ? HOH A 203 . ? 1_555 ? 
5  AC1 6 HOH E . ? HOH A 205 . ? 1_555 ? 
6  AC1 6 HOH E . ? HOH A 206 . ? 1_555 ? 
7  AC2 7 THR A 6 ? THR A 6   . ? 1_555 ? 
8  AC2 7 CYS A 7 ? CYS A 7   . ? 1_555 ? 
9  AC2 7 THR A 8 ? THR A 8   . ? 1_555 ? 
10 AC2 7 PHE B 3 ? PHE B 3   . ? 1_555 ? 
11 AC2 7 THR B 6 ? THR B 6   . ? 1_555 ? 
12 AC2 7 CYS B 7 ? CYS B 7   . ? 1_555 ? 
13 AC2 7 HOH F . ? HOH B 102 . ? 1_555 ? 
14 AC3 9 LYS A 5 ? LYS A 5   . ? 1_555 ? 
15 AC3 9 THR A 6 ? THR A 6   . ? 1_555 ? 
16 AC3 9 CYS B 2 ? CYS B 2   . ? 1_555 ? 
17 AC3 9 LYS B 5 ? LYS B 5   . ? 1_555 ? 
18 AC3 9 THR B 6 ? THR B 6   . ? 1_555 ? 
19 AC3 9 CYS B 7 ? CYS B 7   . ? 1_555 ? 
20 AC3 9 HOH F . ? HOH B 104 . ? 1_555 ? 
21 AC3 9 PHE C 3 ? PHE C 3   . ? 1_555 ? 
22 AC3 9 DTR C 4 ? DTR C 4   . ? 1_555 ? 
23 AC4 8 LYS A 5 ? LYS A 5   . ? 1_555 ? 
24 AC4 8 PHE B 3 ? PHE B 3   . ? 1_555 ? 
25 AC4 8 THR B 6 ? THR B 6   . ? 1_555 ? 
26 AC4 8 CYS B 7 ? CYS B 7   . ? 1_555 ? 
27 AC4 8 THR B 8 ? THR B 8   . ? 1_555 ? 
28 AC4 8 HOH F . ? HOH B 104 . ? 1_555 ? 
29 AC4 8 PHE C 3 ? PHE C 3   . ? 1_555 ? 
30 AC4 8 DTR C 4 ? DTR C 4   . ? 1_555 ? 
31 AC5 8 CYS A 2 ? CYS A 2   . ? 1_555 ? 
32 AC5 8 PHE A 3 ? PHE A 3   . ? 1_555 ? 
33 AC5 8 DTR A 4 ? DTR A 4   . ? 1_555 ? 
34 AC5 8 HOH E . ? HOH A 203 . ? 1_555 ? 
35 AC5 8 PHE C 3 ? PHE C 3   . ? 1_555 ? 
36 AC5 8 CYS C 7 ? CYS C 7   . ? 1_555 ? 
37 AC5 8 HOH G . ? HOH C 105 . ? 1_555 ? 
38 AC5 8 HOH G . ? HOH C 107 . ? 1_555 ? 
39 AC6 7 DTR A 4 ? DTR A 4   . ? 1_555 ? 
40 AC6 7 LYS A 5 ? LYS A 5   . ? 1_555 ? 
41 AC6 7 DTR B 4 ? DTR B 4   . ? 1_555 ? 
42 AC6 7 CYS C 2 ? CYS C 2   . ? 1_555 ? 
43 AC6 7 LYS C 5 ? LYS C 5   . ? 1_555 ? 
44 AC6 7 THR C 6 ? THR C 6   . ? 1_555 ? 
45 AC6 7 CYS C 7 ? CYS C 7   . ? 1_555 ? 
46 AC7 9 DTR A 4 ? DTR A 4   . ? 1_555 ? 
47 AC7 9 LYS A 5 ? LYS A 5   . ? 1_555 ? 
48 AC7 9 DTR B 4 ? DTR B 4   . ? 1_555 ? 
49 AC7 9 PHE C 3 ? PHE C 3   . ? 1_555 ? 
50 AC7 9 THR C 6 ? THR C 6   . ? 1_555 ? 
51 AC7 9 CYS C 7 ? CYS C 7   . ? 1_555 ? 
52 AC7 9 THR C 8 ? THR C 8   . ? 1_555 ? 
53 AC7 9 HOH G . ? HOH C 101 . ? 1_555 ? 
54 AC7 9 HOH G . ? HOH C 104 . ? 1_555 ? 
# 
_pdbx_entry_details.entry_id                   6VC1 
_pdbx_entry_details.has_ligand_of_interest     N 
_pdbx_entry_details.compound_details           ? 
_pdbx_entry_details.source_details             ? 
_pdbx_entry_details.nonpolymer_details         ? 
_pdbx_entry_details.sequence_details           ? 
_pdbx_entry_details.has_protein_modification   Y 
# 
loop_
_space_group_symop.id 
_space_group_symop.operation_xyz 
1 x,y,z           
2 -x+1/2,-y,z+1/2 
3 x+1/2,-y+1/2,-z 
4 -x,y+1/2,-z+1/2 
# 
_pdbx_database_remark.id     250 
_pdbx_database_remark.text   
;
REFINEMENT.
  PROGRAM     : GSAS
  AUTHORS     : LARSON & VON DREELE
DATA USED IN REFINEMENT                                             
 RESOLUTION RANGE HIGH (ANGSTROMS) :  1.87                          
 RESOLUTION RANGE LOW  (ANGSTROMS) : 74.45                          
 POWDER DIFFRACTION DATA.                                           

FIT TO DATA USED IN REFINEMENT                                      
 NUMBER OF POWDER PATTERNS         :     2                          
 PROFILE R VALUES              (%) :  6.29  5.61                    
 WEIGHTED PROFILE R VALUES     (%) :  8.44  7.40                    
 F**2 R VALUES                 (%) : 45.95 43.29                    
 NUMBERS OF POWDER PATTERN POINTS  : 30815 29392                    
 NUMBERS OF REFLECTIONS            :  4926  4876                    
 TOTAL NUMBER OF POWDER POINTS     : 60207                          

NUMBER OF NON-HYDROGEN ATOMS USED IN REFINEMENT.                    
 PROTEIN ATOMS       :                                              
 NUCLEIC ACID ATOMS  :                                              
 HETEROGEN ATOMS     :                                              
 SOLVENT ATOMS       :                                              

MODEL REFINEMENT.                                                   
 NUMBER OF LEAST-SQUARES PARAMETERS :    48                         
 NUMBER OF RESTRAINTS               :   968                         
 LEAST-SQUARES MATRIX BAND WIDTH    :    48                         
 MARQUARDT COEFFICIENT              :  8.49                         

RMS DEVIATIONS FROM RESTRAINT TARGET VALUES. NUMBER.                
 INTERATOMIC DISTANCES              (A) :0.014   300                
 BOND ANGLES                      (DEG) : 1.61   375                
 DISTANCES FROM RESTRAINT PLANES    (A) :0.015   108                
 TORSION ANGLE RESTRAINTS           (E) : 0.53    45                
 CHIRAL VOLUMES                  (A**3) :0.106    30                
 TORSION PSEUDOPOTENTIAL RESTRAINTS (E) : 4.22    23                
 ANTI-BUMPING DISTANCE RESTRAINTS   (A) :0.029    50                
 HYDROGEN BOND DISTANCE RESTRAINTS  (A) :0.345    37                
;
# 
loop_
_chem_comp_atom.comp_id 
_chem_comp_atom.atom_id 
_chem_comp_atom.type_symbol 
_chem_comp_atom.pdbx_aromatic_flag 
_chem_comp_atom.pdbx_stereo_config 
_chem_comp_atom.pdbx_ordinal 
CYS N    N N N 1   
CYS CA   C N R 2   
CYS C    C N N 3   
CYS O    O N N 4   
CYS CB   C N N 5   
CYS SG   S N N 6   
CYS OXT  O N N 7   
CYS H    H N N 8   
CYS H2   H N N 9   
CYS HA   H N N 10  
CYS HB2  H N N 11  
CYS HB3  H N N 12  
CYS HG   H N N 13  
CYS HXT  H N N 14  
DPN N    N N N 15  
DPN CA   C N R 16  
DPN C    C N N 17  
DPN O    O N N 18  
DPN OXT  O N N 19  
DPN CB   C N N 20  
DPN CG   C Y N 21  
DPN CD1  C Y N 22  
DPN CD2  C Y N 23  
DPN CE1  C Y N 24  
DPN CE2  C Y N 25  
DPN CZ   C Y N 26  
DPN H    H N N 27  
DPN H2   H N N 28  
DPN HA   H N N 29  
DPN HXT  H N N 30  
DPN HB2  H N N 31  
DPN HB3  H N N 32  
DPN HD1  H N N 33  
DPN HD2  H N N 34  
DPN HE1  H N N 35  
DPN HE2  H N N 36  
DPN HZ   H N N 37  
DTR N    N N N 38  
DTR CA   C N R 39  
DTR CB   C N N 40  
DTR CG   C Y N 41  
DTR CD1  C Y N 42  
DTR NE1  N Y N 43  
DTR CE2  C Y N 44  
DTR CZ2  C Y N 45  
DTR CH2  C Y N 46  
DTR CZ3  C Y N 47  
DTR CE3  C Y N 48  
DTR CD2  C Y N 49  
DTR C    C N N 50  
DTR O    O N N 51  
DTR OXT  O N N 52  
DTR H    H N N 53  
DTR H2   H N N 54  
DTR HA   H N N 55  
DTR HB2  H N N 56  
DTR HB3  H N N 57  
DTR HD1  H N N 58  
DTR HE1  H N N 59  
DTR HZ2  H N N 60  
DTR HH2  H N N 61  
DTR HZ3  H N N 62  
DTR HE3  H N N 63  
DTR HXT  H N N 64  
HOH O    O N N 65  
HOH H1   H N N 66  
HOH H2   H N N 67  
LYS N    N N N 68  
LYS CA   C N S 69  
LYS C    C N N 70  
LYS O    O N N 71  
LYS CB   C N N 72  
LYS CG   C N N 73  
LYS CD   C N N 74  
LYS CE   C N N 75  
LYS NZ   N N N 76  
LYS OXT  O N N 77  
LYS H    H N N 78  
LYS H2   H N N 79  
LYS HA   H N N 80  
LYS HB2  H N N 81  
LYS HB3  H N N 82  
LYS HG2  H N N 83  
LYS HG3  H N N 84  
LYS HD2  H N N 85  
LYS HD3  H N N 86  
LYS HE2  H N N 87  
LYS HE3  H N N 88  
LYS HZ1  H N N 89  
LYS HZ2  H N N 90  
LYS HZ3  H N N 91  
LYS HXT  H N N 92  
OXL C1   C N N 93  
OXL C2   C N N 94  
OXL O1   O N N 95  
OXL O2   O N N 96  
OXL O3   O N N 97  
OXL O4   O N N 98  
PHE N    N N N 99  
PHE CA   C N S 100 
PHE C    C N N 101 
PHE O    O N N 102 
PHE CB   C N N 103 
PHE CG   C Y N 104 
PHE CD1  C Y N 105 
PHE CD2  C Y N 106 
PHE CE1  C Y N 107 
PHE CE2  C Y N 108 
PHE CZ   C Y N 109 
PHE OXT  O N N 110 
PHE H    H N N 111 
PHE H2   H N N 112 
PHE HA   H N N 113 
PHE HB2  H N N 114 
PHE HB3  H N N 115 
PHE HD1  H N N 116 
PHE HD2  H N N 117 
PHE HE1  H N N 118 
PHE HE2  H N N 119 
PHE HZ   H N N 120 
PHE HXT  H N N 121 
THR N    N N N 122 
THR CA   C N S 123 
THR C    C N N 124 
THR O    O N N 125 
THR CB   C N R 126 
THR OG1  O N N 127 
THR CG2  C N N 128 
THR OXT  O N N 129 
THR H    H N N 130 
THR H2   H N N 131 
THR HA   H N N 132 
THR HB   H N N 133 
THR HG1  H N N 134 
THR HG21 H N N 135 
THR HG22 H N N 136 
THR HG23 H N N 137 
THR HXT  H N N 138 
# 
loop_
_chem_comp_bond.comp_id 
_chem_comp_bond.atom_id_1 
_chem_comp_bond.atom_id_2 
_chem_comp_bond.value_order 
_chem_comp_bond.pdbx_aromatic_flag 
_chem_comp_bond.pdbx_stereo_config 
_chem_comp_bond.pdbx_ordinal 
CYS N   CA   sing N N 1   
CYS N   H    sing N N 2   
CYS N   H2   sing N N 3   
CYS CA  C    sing N N 4   
CYS CA  CB   sing N N 5   
CYS CA  HA   sing N N 6   
CYS C   O    doub N N 7   
CYS C   OXT  sing N N 8   
CYS CB  SG   sing N N 9   
CYS CB  HB2  sing N N 10  
CYS CB  HB3  sing N N 11  
CYS SG  HG   sing N N 12  
CYS OXT HXT  sing N N 13  
DPN N   CA   sing N N 14  
DPN N   H    sing N N 15  
DPN N   H2   sing N N 16  
DPN CA  C    sing N N 17  
DPN CA  CB   sing N N 18  
DPN CA  HA   sing N N 19  
DPN C   O    doub N N 20  
DPN C   OXT  sing N N 21  
DPN OXT HXT  sing N N 22  
DPN CB  CG   sing N N 23  
DPN CB  HB2  sing N N 24  
DPN CB  HB3  sing N N 25  
DPN CG  CD1  doub Y N 26  
DPN CG  CD2  sing Y N 27  
DPN CD1 CE1  sing Y N 28  
DPN CD1 HD1  sing N N 29  
DPN CD2 CE2  doub Y N 30  
DPN CD2 HD2  sing N N 31  
DPN CE1 CZ   doub Y N 32  
DPN CE1 HE1  sing N N 33  
DPN CE2 CZ   sing Y N 34  
DPN CE2 HE2  sing N N 35  
DPN CZ  HZ   sing N N 36  
DTR N   CA   sing N N 37  
DTR N   H    sing N N 38  
DTR N   H2   sing N N 39  
DTR CA  CB   sing N N 40  
DTR CA  C    sing N N 41  
DTR CA  HA   sing N N 42  
DTR CB  CG   sing N N 43  
DTR CB  HB2  sing N N 44  
DTR CB  HB3  sing N N 45  
DTR CG  CD1  doub Y N 46  
DTR CG  CD2  sing Y N 47  
DTR CD1 NE1  sing Y N 48  
DTR CD1 HD1  sing N N 49  
DTR NE1 CE2  sing Y N 50  
DTR NE1 HE1  sing N N 51  
DTR CE2 CZ2  doub Y N 52  
DTR CE2 CD2  sing Y N 53  
DTR CZ2 CH2  sing Y N 54  
DTR CZ2 HZ2  sing N N 55  
DTR CH2 CZ3  doub Y N 56  
DTR CH2 HH2  sing N N 57  
DTR CZ3 CE3  sing Y N 58  
DTR CZ3 HZ3  sing N N 59  
DTR CE3 CD2  doub Y N 60  
DTR CE3 HE3  sing N N 61  
DTR C   O    doub N N 62  
DTR C   OXT  sing N N 63  
DTR OXT HXT  sing N N 64  
HOH O   H1   sing N N 65  
HOH O   H2   sing N N 66  
LYS N   CA   sing N N 67  
LYS N   H    sing N N 68  
LYS N   H2   sing N N 69  
LYS CA  C    sing N N 70  
LYS CA  CB   sing N N 71  
LYS CA  HA   sing N N 72  
LYS C   O    doub N N 73  
LYS C   OXT  sing N N 74  
LYS CB  CG   sing N N 75  
LYS CB  HB2  sing N N 76  
LYS CB  HB3  sing N N 77  
LYS CG  CD   sing N N 78  
LYS CG  HG2  sing N N 79  
LYS CG  HG3  sing N N 80  
LYS CD  CE   sing N N 81  
LYS CD  HD2  sing N N 82  
LYS CD  HD3  sing N N 83  
LYS CE  NZ   sing N N 84  
LYS CE  HE2  sing N N 85  
LYS CE  HE3  sing N N 86  
LYS NZ  HZ1  sing N N 87  
LYS NZ  HZ2  sing N N 88  
LYS NZ  HZ3  sing N N 89  
LYS OXT HXT  sing N N 90  
OXL C1  C2   sing N N 91  
OXL C1  O1   doub N N 92  
OXL C1  O3   sing N N 93  
OXL C2  O2   doub N N 94  
OXL C2  O4   sing N N 95  
PHE N   CA   sing N N 96  
PHE N   H    sing N N 97  
PHE N   H2   sing N N 98  
PHE CA  C    sing N N 99  
PHE CA  CB   sing N N 100 
PHE CA  HA   sing N N 101 
PHE C   O    doub N N 102 
PHE C   OXT  sing N N 103 
PHE CB  CG   sing N N 104 
PHE CB  HB2  sing N N 105 
PHE CB  HB3  sing N N 106 
PHE CG  CD1  doub Y N 107 
PHE CG  CD2  sing Y N 108 
PHE CD1 CE1  sing Y N 109 
PHE CD1 HD1  sing N N 110 
PHE CD2 CE2  doub Y N 111 
PHE CD2 HD2  sing N N 112 
PHE CE1 CZ   doub Y N 113 
PHE CE1 HE1  sing N N 114 
PHE CE2 CZ   sing Y N 115 
PHE CE2 HE2  sing N N 116 
PHE CZ  HZ   sing N N 117 
PHE OXT HXT  sing N N 118 
THR N   CA   sing N N 119 
THR N   H    sing N N 120 
THR N   H2   sing N N 121 
THR CA  C    sing N N 122 
THR CA  CB   sing N N 123 
THR CA  HA   sing N N 124 
THR C   O    doub N N 125 
THR C   OXT  sing N N 126 
THR CB  OG1  sing N N 127 
THR CB  CG2  sing N N 128 
THR CB  HB   sing N N 129 
THR OG1 HG1  sing N N 130 
THR CG2 HG21 sing N N 131 
THR CG2 HG22 sing N N 132 
THR CG2 HG23 sing N N 133 
THR OXT HXT  sing N N 134 
# 
loop_
_pdbx_audit_support.funding_organization 
_pdbx_audit_support.country 
_pdbx_audit_support.grant_number 
_pdbx_audit_support.ordinal 
'Hellenic Foundation for Research and Innovation (HFRI)' Greece           3051 1 
'General Secretariat for Research and Technology (GSRT)' 'European Union' ?    2 
# 
_atom_sites.entry_id                    6VC1 
_atom_sites.Cartn_transf_matrix[1][1]   ? 
_atom_sites.Cartn_transf_matrix[1][2]   ? 
_atom_sites.Cartn_transf_matrix[1][3]   ? 
_atom_sites.Cartn_transf_matrix[2][1]   ? 
_atom_sites.Cartn_transf_matrix[2][2]   ? 
_atom_sites.Cartn_transf_matrix[2][3]   ? 
_atom_sites.Cartn_transf_matrix[3][1]   ? 
_atom_sites.Cartn_transf_matrix[3][2]   ? 
_atom_sites.Cartn_transf_matrix[3][3]   ? 
_atom_sites.Cartn_transf_vector[1]      ? 
_atom_sites.Cartn_transf_vector[2]      ? 
_atom_sites.Cartn_transf_vector[3]      ? 
_atom_sites.fract_transf_matrix[1][1]   -0.02653001 
_atom_sites.fract_transf_matrix[1][2]   0.03875537 
_atom_sites.fract_transf_matrix[1][3]   0.02658836 
_atom_sites.fract_transf_matrix[2][1]   0.02378486 
_atom_sites.fract_transf_matrix[2][2]   0.00057734 
_atom_sites.fract_transf_matrix[2][3]   0.02289112 
_atom_sites.fract_transf_matrix[3][1]   0.01231424 
_atom_sites.fract_transf_matrix[3][2]   0.01751082 
_atom_sites.fract_transf_matrix[3][3]   -0.01323667 
_atom_sites.fract_transf_vector[1]      0.004938 
_atom_sites.fract_transf_vector[2]      0.594991 
_atom_sites.fract_transf_vector[3]      0.179084 
_atom_sites.solution_primary            ? 
_atom_sites.solution_secondary          ? 
_atom_sites.solution_hydrogens          ? 
_atom_sites.special_details             ? 
# 
loop_
_atom_type.symbol 
C 
N 
O 
S 
# 
loop_
_atom_site.group_PDB 
_atom_site.id 
_atom_site.type_symbol 
_atom_site.label_atom_id 
_atom_site.label_alt_id 
_atom_site.label_comp_id 
_atom_site.label_asym_id 
_atom_site.label_entity_id 
_atom_site.label_seq_id 
_atom_site.pdbx_PDB_ins_code 
_atom_site.Cartn_x 
_atom_site.Cartn_y 
_atom_site.Cartn_z 
_atom_site.occupancy 
_atom_site.B_iso_or_equiv 
_atom_site.pdbx_formal_charge 
_atom_site.auth_seq_id 
_atom_site.auth_comp_id 
_atom_site.auth_asym_id 
_atom_site.auth_atom_id 
_atom_site.pdbx_PDB_model_num 
HETATM 1   N N   . DPN A 1 1 ? 6.149   5.701   -4.214 1 14.31 ? 1   DPN A N   1 
HETATM 2   C CA  . DPN A 1 1 ? 5.854   5.410   -2.814 1 14.31 ? 1   DPN A CA  1 
HETATM 3   C C   . DPN A 1 1 ? 5.052   4.095   -2.725 1 14.31 ? 1   DPN A C   1 
HETATM 4   O O   . DPN A 1 1 ? 5.559   3.002   -2.742 1 14.31 ? 1   DPN A O   1 
HETATM 5   C CB  . DPN A 1 1 ? 7.185   5.279   -2.013 1 14.31 ? 1   DPN A CB  1 
HETATM 6   C CG  . DPN A 1 1 ? 7.054   5.034   -0.502 1 14.31 ? 1   DPN A CG  1 
HETATM 7   C CD1 . DPN A 1 1 ? 6.899   3.728   -0.024 1 14.31 ? 1   DPN A CD1 1 
HETATM 8   C CD2 . DPN A 1 1 ? 7.023   6.104   0.396  1 14.31 ? 1   DPN A CD2 1 
HETATM 9   C CE1 . DPN A 1 1 ? 6.697   3.498   1.333  1 14.31 ? 1   DPN A CE1 1 
HETATM 10  C CE2 . DPN A 1 1 ? 6.831   5.872   1.756  1 14.31 ? 1   DPN A CE2 1 
HETATM 11  C CZ  . DPN A 1 1 ? 6.666   4.570   2.223  1 14.31 ? 1   DPN A CZ  1 
ATOM   12  N N   . CYS A 1 2 ? 3.749   4.280   -2.527 1 14.31 ? 2   CYS A N   1 
ATOM   13  C CA  . CYS A 1 2 ? 2.784   3.207   -2.336 1 14.31 ? 2   CYS A CA  1 
ATOM   14  C C   . CYS A 1 2 ? 1.476   3.466   -3.077 1 14.31 ? 2   CYS A C   1 
ATOM   15  O O   . CYS A 1 2 ? 1.133   4.601   -3.380 1 14.31 ? 2   CYS A O   1 
ATOM   16  C CB  . CYS A 1 2 ? 2.467   3.048   -0.843 1 14.31 ? 2   CYS A CB  1 
ATOM   17  S SG  . CYS A 1 2 ? 3.813   2.467   0.213  1 14.31 ? 2   CYS A SG  1 
ATOM   18  N N   . PHE A 1 3 ? 0.756   2.388   -3.363 1 14.31 ? 3   PHE A N   1 
ATOM   19  C CA  . PHE A 1 3 ? -0.529  2.470   -4.046 1 14.31 ? 3   PHE A CA  1 
ATOM   20  C C   . PHE A 1 3 ? -1.387  1.241   -3.757 1 14.31 ? 3   PHE A C   1 
ATOM   21  O O   . PHE A 1 3 ? -0.984  0.112   -4.036 1 14.31 ? 3   PHE A O   1 
ATOM   22  C CB  . PHE A 1 3 ? -0.324  2.623   -5.554 1 14.31 ? 3   PHE A CB  1 
ATOM   23  C CG  . PHE A 1 3 ? -1.496  3.232   -6.268 1 14.31 ? 3   PHE A CG  1 
ATOM   24  C CD1 . PHE A 1 3 ? -2.072  4.406   -5.807 1 14.31 ? 3   PHE A CD1 1 
ATOM   25  C CD2 . PHE A 1 3 ? -2.023  2.633   -7.400 1 14.31 ? 3   PHE A CD2 1 
ATOM   26  C CE1 . PHE A 1 3 ? -3.149  4.967   -6.462 1 14.31 ? 3   PHE A CE1 1 
ATOM   27  C CE2 . PHE A 1 3 ? -3.101  3.191   -8.058 1 14.31 ? 3   PHE A CE2 1 
ATOM   28  C CZ  . PHE A 1 3 ? -3.666  4.361   -7.589 1 14.31 ? 3   PHE A CZ  1 
HETATM 29  N N   . DTR A 1 4 ? -2.662  1.481   -3.477 1 14.31 ? 4   DTR A N   1 
HETATM 30  C CA  . DTR A 1 4 ? -3.637  0.443   -3.160 1 14.31 ? 4   DTR A CA  1 
HETATM 31  C CB  . DTR A 1 4 ? -4.990  1.088   -2.748 1 14.31 ? 4   DTR A CB  1 
HETATM 32  C CG  . DTR A 1 4 ? -6.169  0.114   -2.680 1 14.31 ? 4   DTR A CG  1 
HETATM 33  C CD1 . DTR A 1 4 ? -6.121  -1.261  -2.991 1 14.31 ? 4   DTR A CD1 1 
HETATM 34  N NE1 . DTR A 1 4 ? -7.394  -1.858  -2.907 1 14.31 ? 4   DTR A NE1 1 
HETATM 35  C CE2 . DTR A 1 4 ? -8.227  -0.812  -2.540 1 14.31 ? 4   DTR A CE2 1 
HETATM 36  C CZ2 . DTR A 1 4 ? -9.622  -0.816  -2.324 1 14.31 ? 4   DTR A CZ2 1 
HETATM 37  C CH2 . DTR A 1 4 ? -10.253 0.380   -1.971 1 14.31 ? 4   DTR A CH2 1 
HETATM 38  C CZ3 . DTR A 1 4 ? -9.525  1.570   -1.842 1 14.31 ? 4   DTR A CZ3 1 
HETATM 39  C CE3 . DTR A 1 4 ? -8.147  1.601   -2.056 1 14.31 ? 4   DTR A CE3 1 
HETATM 40  C CD2 . DTR A 1 4 ? -7.491  0.391   -2.400 1 14.31 ? 4   DTR A CD2 1 
HETATM 41  C C   . DTR A 1 4 ? -3.127  -0.440  -2.005 1 14.31 ? 4   DTR A C   1 
HETATM 42  O O   . DTR A 1 4 ? -3.002  -0.012  -0.891 1 14.31 ? 4   DTR A O   1 
ATOM   43  N N   . LYS A 1 5 ? -2.871  -1.706  -2.328 1 14.31 ? 5   LYS A N   1 
ATOM   44  C CA  . LYS A 1 5 ? -2.406  -2.713  -1.384 1 14.31 ? 5   LYS A CA  1 
ATOM   45  C C   . LYS A 1 5 ? -0.956  -3.101  -1.662 1 14.31 ? 5   LYS A C   1 
ATOM   46  O O   . LYS A 1 5 ? -0.418  -4.014  -1.036 1 14.31 ? 5   LYS A O   1 
ATOM   47  C CB  . LYS A 1 5 ? -3.302  -3.953  -1.437 1 14.31 ? 5   LYS A CB  1 
ATOM   48  C CG  . LYS A 1 5 ? -4.648  -3.775  -0.757 1 14.31 ? 5   LYS A CG  1 
ATOM   49  C CD  . LYS A 1 5 ? -5.588  -4.925  -1.087 1 14.31 ? 5   LYS A CD  1 
ATOM   50  C CE  . LYS A 1 5 ? -6.796  -4.930  -0.165 1 14.31 ? 5   LYS A CE  1 
ATOM   51  N NZ  . LYS A 1 5 ? -7.951  -4.202  -0.760 1 14.31 ? 5   LYS A NZ  1 
ATOM   52  N N   . THR A 1 6 ? -0.345  -2.536  -2.698 1 14.31 ? 6   THR A N   1 
ATOM   53  C CA  . THR A 1 6 ? 1.095   -2.650  -2.897 1 14.31 ? 6   THR A CA  1 
ATOM   54  C C   . THR A 1 6 ? 1.800   -1.331  -2.598 1 14.31 ? 6   THR A C   1 
ATOM   55  O O   . THR A 1 6 ? 1.163   -0.281  -2.519 1 14.31 ? 6   THR A O   1 
ATOM   56  C CB  . THR A 1 6 ? 1.432   -3.086  -4.335 1 14.31 ? 6   THR A CB  1 
ATOM   57  O OG1 . THR A 1 6 ? 0.887   -2.142  -5.265 1 14.31 ? 6   THR A OG1 1 
ATOM   58  C CG2 . THR A 1 6 ? 0.855   -4.464  -4.623 1 14.31 ? 6   THR A CG2 1 
ATOM   59  N N   . CYS A 1 7 ? 3.059   -1.485  -2.188 1 14.31 ? 7   CYS A N   1 
ATOM   60  C CA  . CYS A 1 7 ? 4.044   -0.413  -2.155 1 14.31 ? 7   CYS A CA  1 
ATOM   61  C C   . CYS A 1 7 ? 5.248   -0.745  -3.030 1 14.31 ? 7   CYS A C   1 
ATOM   62  O O   . CYS A 1 7 ? 5.595   -1.914  -3.209 1 14.31 ? 7   CYS A O   1 
ATOM   63  C CB  . CYS A 1 7 ? 4.497   -0.144  -0.719 1 14.31 ? 7   CYS A CB  1 
ATOM   64  S SG  . CYS A 1 7 ? 3.221   0.569   0.345  1 14.31 ? 7   CYS A SG  1 
ATOM   65  N N   . THR A 1 8 ? 5.850   0.259   -3.663 1 14.31 ? 8   THR A N   1 
ATOM   66  C CA  . THR A 1 8 ? 6.981   -0.007  -4.573 1 14.31 ? 8   THR A CA  1 
ATOM   67  C C   . THR A 1 8 ? 8.302   0.629   -4.157 1 14.31 ? 8   THR A C   1 
ATOM   68  O O   . THR A 1 8 ? 9.353   -0.081  -4.233 1 14.31 ? 8   THR A O   1 
ATOM   69  C CB  . THR A 1 8 ? 6.699   0.447   -6.032 1 14.31 ? 8   THR A CB  1 
ATOM   70  O OG1 . THR A 1 8 ? 6.575   1.876   -6.082 1 14.31 ? 8   THR A OG1 1 
ATOM   71  C CG2 . THR A 1 8 ? 5.438   -0.213  -6.600 1 14.31 ? 8   THR A CG2 1 
ATOM   72  O OXT . THR A 1 8 ? 8.286   1.848   -3.818 1 14.31 ? 8   THR A OXT 1 
HETATM 73  N N   . DPN B 1 1 ? 8.860   -5.496  -4.210 1 14.31 ? 1   DPN B N   1 
HETATM 74  C CA  . DPN B 1 1 ? 8.422   -4.564  -3.175 1 14.31 ? 1   DPN B CA  1 
HETATM 75  C C   . DPN B 1 1 ? 7.632   -5.336  -2.096 1 14.31 ? 1   DPN B C   1 
HETATM 76  O O   . DPN B 1 1 ? 8.145   -6.093  -1.310 1 14.31 ? 1   DPN B O   1 
HETATM 77  C CB  . DPN B 1 1 ? 9.662   -3.867  -2.535 1 14.31 ? 1   DPN B CB  1 
HETATM 78  C CG  . DPN B 1 1 ? 9.388   -2.966  -1.322 1 14.31 ? 1   DPN B CG  1 
HETATM 79  C CD1 . DPN B 1 1 ? 9.452   -3.505  -0.031 1 14.31 ? 1   DPN B CD1 1 
HETATM 80  C CD2 . DPN B 1 1 ? 9.016   -1.629  -1.492 1 14.31 ? 1   DPN B CD2 1 
HETATM 81  C CE1 . DPN B 1 1 ? 9.130   -2.723  1.072  1 14.31 ? 1   DPN B CE1 1 
HETATM 82  C CE2 . DPN B 1 1 ? 8.704   -0.844  -0.385 1 14.31 ? 1   DPN B CE2 1 
HETATM 83  C CZ  . DPN B 1 1 ? 8.758   -1.392  0.895  1 14.31 ? 1   DPN B CZ  1 
ATOM   84  N N   . CYS B 1 2 ? 6.360   -4.998  -1.972 1 14.31 ? 2   CYS B N   1 
ATOM   85  C CA  . CYS B 1 2 ? 5.545   -5.687  -0.990 1 14.31 ? 2   CYS B CA  1 
ATOM   86  C C   . CYS B 1 2 ? 4.054   -5.582  -1.234 1 14.31 ? 2   CYS B C   1 
ATOM   87  O O   . CYS B 1 2 ? 3.553   -4.577  -1.736 1 14.31 ? 2   CYS B O   1 
ATOM   88  C CB  . CYS B 1 2 ? 5.921   -5.288  0.435  1 14.31 ? 2   CYS B CB  1 
ATOM   89  S SG  . CYS B 1 2 ? 5.450   -3.625  0.945  1 14.31 ? 2   CYS B SG  1 
ATOM   90  N N   . PHE B 1 3 ? 3.342   -6.621  -0.839 1 14.31 ? 3   PHE B N   1 
ATOM   91  C CA  . PHE B 1 3 ? 1.908   -6.631  -1.015 1 14.31 ? 3   PHE B CA  1 
ATOM   92  C C   . PHE B 1 3 ? 1.194   -6.941  0.280  1 14.31 ? 3   PHE B C   1 
ATOM   93  O O   . PHE B 1 3 ? 1.629   -7.779  1.065  1 14.31 ? 3   PHE B O   1 
ATOM   94  C CB  . PHE B 1 3 ? 1.469   -7.633  -2.096 1 14.31 ? 3   PHE B CB  1 
ATOM   95  C CG  . PHE B 1 3 ? -0.025  -7.740  -2.240 1 14.31 ? 3   PHE B CG  1 
ATOM   96  C CD1 . PHE B 1 3 ? -0.721  -6.845  -3.028 1 14.31 ? 3   PHE B CD1 1 
ATOM   97  C CD2 . PHE B 1 3 ? -0.733  -8.724  -1.574 1 14.31 ? 3   PHE B CD2 1 
ATOM   98  C CE1 . PHE B 1 3 ? -2.092  -6.932  -3.169 1 14.31 ? 3   PHE B CE1 1 
ATOM   99  C CE2 . PHE B 1 3 ? -2.102  -8.814  -1.703 1 14.31 ? 3   PHE B CE2 1 
ATOM   100 C CZ  . PHE B 1 3 ? -2.785  -7.916  -2.500 1 14.31 ? 3   PHE B CZ  1 
HETATM 101 N N   . DTR B 1 4 ? 0.079   -6.255  0.474  1 14.31 ? 4   DTR B N   1 
HETATM 102 C CA  . DTR B 1 4 ? -0.771  -6.453  1.616  1 14.31 ? 4   DTR B CA  1 
HETATM 103 C CB  . DTR B 1 4 ? -2.039  -5.619  1.391  1 14.31 ? 4   DTR B CB  1 
HETATM 104 C CG  . DTR B 1 4 ? -3.299  -6.266  1.928  1 14.31 ? 4   DTR B CG  1 
HETATM 105 C CD1 . DTR B 1 4 ? -4.188  -7.118  1.274  1 14.31 ? 4   DTR B CD1 1 
HETATM 106 N NE1 . DTR B 1 4 ? -5.216  -7.475  2.105  1 14.31 ? 4   DTR B NE1 1 
HETATM 107 C CE2 . DTR B 1 4 ? -5.092  -6.899  3.311  1 14.31 ? 4   DTR B CE2 1 
HETATM 108 C CZ2 . DTR B 1 4 ? -5.830  -6.900  4.488  1 14.31 ? 4   DTR B CZ2 1 
HETATM 109 C CH2 . DTR B 1 4 ? -5.385  -6.157  5.580  1 14.31 ? 4   DTR B CH2 1 
HETATM 110 C CZ3 . DTR B 1 4 ? -4.225  -5.389  5.529  1 14.31 ? 4   DTR B CZ3 1 
HETATM 111 C CE3 . DTR B 1 4 ? -3.458  -5.357  4.371  1 14.31 ? 4   DTR B CE3 1 
HETATM 112 C CD2 . DTR B 1 4 ? -3.871  -6.090  3.274  1 14.31 ? 4   DTR B CD2 1 
HETATM 113 C C   . DTR B 1 4 ? -0.166  -6.176  2.965  1 14.31 ? 4   DTR B C   1 
HETATM 114 O O   . DTR B 1 4 ? 0.383   -5.095  3.268  1 14.31 ? 4   DTR B O   1 
ATOM   115 N N   . LYS B 1 5 ? -0.288  -7.199  3.793  1 14.31 ? 5   LYS B N   1 
ATOM   116 C CA  . LYS B 1 5 ? 0.103   -7.209  5.199  1 14.31 ? 5   LYS B CA  1 
ATOM   117 C C   . LYS B 1 5 ? 1.611   -7.209  5.426  1 14.31 ? 5   LYS B C   1 
ATOM   118 O O   . LYS B 1 5 ? 2.065   -7.101  6.560  1 14.31 ? 5   LYS B O   1 
ATOM   119 C CB  . LYS B 1 5 ? -0.608  -8.340  5.940  1 14.31 ? 5   LYS B CB  1 
ATOM   120 C CG  . LYS B 1 5 ? -2.124  -8.215  5.910  1 14.31 ? 5   LYS B CG  1 
ATOM   121 C CD  . LYS B 1 5 ? -2.794  -9.335  6.685  1 14.31 ? 5   LYS B CD  1 
ATOM   122 C CE  . LYS B 1 5 ? -4.303  -9.243  6.573  1 14.31 ? 5   LYS B CE  1 
ATOM   123 N NZ  . LYS B 1 5 ? -4.972  -10.237 7.445  1 14.31 ? 5   LYS B NZ  1 
ATOM   124 N N   . THR B 1 6 ? 2.370   -7.373  4.350  1 14.31 ? 6   THR B N   1 
ATOM   125 C CA  . THR B 1 6 ? 3.821   -7.309  4.409  1 14.31 ? 6   THR B CA  1 
ATOM   126 C C   . THR B 1 6 ? 4.169   -5.844  4.728  1 14.31 ? 6   THR B C   1 
ATOM   127 O O   . THR B 1 6 ? 5.095   -5.555  5.484  1 14.31 ? 6   THR B O   1 
ATOM   128 C CB  . THR B 1 6 ? 4.459   -7.815  3.108  1 14.31 ? 6   THR B CB  1 
ATOM   129 O OG1 . THR B 1 6 ? 4.271   -9.236  3.015  1 14.31 ? 6   THR B OG1 1 
ATOM   130 C CG2 . THR B 1 6 ? 5.950   -7.492  3.074  1 14.31 ? 6   THR B CG2 1 
ATOM   131 N N   . CYS B 1 7 ? 3.394   -4.938  4.124  1 14.31 ? 7   CYS B N   1 
ATOM   132 C CA  . CYS B 1 7 ? 3.487   -3.491  4.270  1 14.31 ? 7   CYS B CA  1 
ATOM   133 C C   . CYS B 1 7 ? 2.770   -3.017  5.528  1 14.31 ? 7   CYS B C   1 
ATOM   134 O O   . CYS B 1 7 ? 1.863   -2.185  5.463  1 14.31 ? 7   CYS B O   1 
ATOM   135 C CB  . CYS B 1 7 ? 2.912   -2.790  3.040  1 14.31 ? 7   CYS B CB  1 
ATOM   136 S SG  . CYS B 1 7 ? 3.472   -3.467  1.461  1 14.31 ? 7   CYS B SG  1 
ATOM   137 N N   . THR B 1 8 ? 3.287   -3.468  6.667  1 14.31 ? 8   THR B N   1 
ATOM   138 C CA  . THR B 1 8 ? 2.780   -3.148  7.996  1 14.31 ? 8   THR B CA  1 
ATOM   139 C C   . THR B 1 8 ? 3.773   -2.290  8.773  1 14.31 ? 8   THR B C   1 
ATOM   140 O O   . THR B 1 8 ? 3.571   -2.006  9.954  1 14.31 ? 8   THR B O   1 
ATOM   141 C CB  . THR B 1 8 ? 2.475   -4.422  8.805  1 14.31 ? 8   THR B CB  1 
ATOM   142 O OG1 . THR B 1 8 ? 1.729   -5.339  7.995  1 14.31 ? 8   THR B OG1 1 
ATOM   143 C CG2 . THR B 1 8 ? 1.671   -4.082  10.050 1 14.31 ? 8   THR B CG2 1 
ATOM   144 O OXT . THR B 1 8 ? 4.905   -2.086  8.287  1 14.31 ? 8   THR B OXT 1 
HETATM 145 N N   . DPN C 1 1 ? 2.245   7.444   -3.643 1 14.31 ? 1   DPN C N   1 
HETATM 146 C CA  . DPN C 1 1 ? 0.803   7.520   -3.599 1 14.31 ? 1   DPN C CA  1 
HETATM 147 C C   . DPN C 1 1 ? 0.260   7.194   -2.233 1 14.31 ? 1   DPN C C   1 
HETATM 148 O O   . DPN C 1 1 ? 0.733   7.717   -1.203 1 14.31 ? 1   DPN C O   1 
HETATM 149 C CB  . DPN C 1 1 ? 0.371   8.937   -4.006 1 14.31 ? 1   DPN C CB  1 
HETATM 150 C CG  . DPN C 1 1 ? -1.128  9.175   -3.994 1 14.31 ? 1   DPN C CG  1 
HETATM 151 C CD1 . DPN C 1 1 ? -1.878  9.121   -2.831 1 14.31 ? 1   DPN C CD1 1 
HETATM 152 C CD2 . DPN C 1 1 ? -1.765  9.470   -5.185 1 14.31 ? 1   DPN C CD2 1 
HETATM 153 C CE1 . DPN C 1 1 ? -3.249  9.348   -2.873 1 14.31 ? 1   DPN C CE1 1 
HETATM 154 C CE2 . DPN C 1 1 ? -3.134  9.691   -5.233 1 14.31 ? 1   DPN C CE2 1 
HETATM 155 C CZ  . DPN C 1 1 ? -3.883  9.643   -4.071 1 14.31 ? 1   DPN C CZ  1 
ATOM   156 N N   . CYS C 1 2 ? -0.741  6.329   -2.208 1 14.31 ? 2   CYS C N   1 
ATOM   157 C CA  . CYS C 1 2 ? -1.414  5.959   -0.979 1 14.31 ? 2   CYS C CA  1 
ATOM   158 C C   . CYS C 1 2 ? -1.664  4.465   -0.882 1 14.31 ? 2   CYS C C   1 
ATOM   159 O O   . CYS C 1 2 ? -1.585  3.753   -1.877 1 14.31 ? 2   CYS C O   1 
ATOM   160 C CB  . CYS C 1 2 ? -2.732  6.716   -0.861 1 14.31 ? 2   CYS C CB  1 
ATOM   161 S SG  . CYS C 1 2 ? -3.907  6.244   -2.151 1 14.31 ? 2   CYS C SG  1 
ATOM   162 N N   . PHE C 1 3 ? -1.957  4.007   0.332  1 14.31 ? 3   PHE C N   1 
ATOM   163 C CA  . PHE C 1 3 ? -2.179  2.591   0.604  1 14.31 ? 3   PHE C CA  1 
ATOM   164 C C   . PHE C 1 3 ? -3.492  2.284   1.338  1 14.31 ? 3   PHE C C   1 
ATOM   165 O O   . PHE C 1 3 ? -3.824  2.957   2.307  1 14.31 ? 3   PHE C O   1 
ATOM   166 C CB  . PHE C 1 3 ? -0.982  2.077   1.414  1 14.31 ? 3   PHE C CB  1 
ATOM   167 C CG  . PHE C 1 3 ? -1.076  0.633   1.830  1 14.31 ? 3   PHE C CG  1 
ATOM   168 C CD1 . PHE C 1 3 ? -0.587  -0.372  1.019  1 14.31 ? 3   PHE C CD1 1 
ATOM   169 C CD2 . PHE C 1 3 ? -1.627  0.288   3.053  1 14.31 ? 3   PHE C CD2 1 
ATOM   170 C CE1 . PHE C 1 3 ? -0.671  -1.691  1.411  1 14.31 ? 3   PHE C CE1 1 
ATOM   171 C CE2 . PHE C 1 3 ? -1.703  -1.031  3.449  1 14.31 ? 3   PHE C CE2 1 
ATOM   172 C CZ  . PHE C 1 3 ? -1.221  -2.029  2.623  1 14.31 ? 3   PHE C CZ  1 
HETATM 173 N N   . DTR C 1 4 ? -4.211  1.282   0.838  1 14.31 ? 4   DTR C N   1 
HETATM 174 C CA  . DTR C 1 4 ? -5.441  0.803   1.450  1 14.31 ? 4   DTR C CA  1 
HETATM 175 C CB  . DTR C 1 4 ? -6.024  -0.275  0.527  1 14.31 ? 4   DTR C CB  1 
HETATM 176 C CG  . DTR C 1 4 ? -7.168  -1.051  1.150  1 14.31 ? 4   DTR C CG  1 
HETATM 177 C CD1 . DTR C 1 4 ? -8.517  -0.986  0.822  1 14.31 ? 4   DTR C CD1 1 
HETATM 178 N NE1 . DTR C 1 4 ? -9.258  -1.836  1.590  1 14.31 ? 4   DTR C NE1 1 
HETATM 179 C CE2 . DTR C 1 4 ? -8.486  -2.514  2.449  1 14.31 ? 4   DTR C CE2 1 
HETATM 180 C CZ2 . DTR C 1 4 ? -8.720  -3.471  3.424  1 14.31 ? 4   DTR C CZ2 1 
HETATM 181 C CH2 . DTR C 1 4 ? -7.638  -3.966  4.153  1 14.31 ? 4   DTR C CH2 1 
HETATM 182 C CZ3 . DTR C 1 4 ? -6.334  -3.534  3.927  1 14.31 ? 4   DTR C CZ3 1 
HETATM 183 C CE3 . DTR C 1 4 ? -6.051  -2.574  2.961  1 14.31 ? 4   DTR C CE3 1 
HETATM 184 C CD2 . DTR C 1 4 ? -7.103  -2.062  2.226  1 14.31 ? 4   DTR C CD2 1 
HETATM 185 C C   . DTR C 1 4 ? -6.466  1.869   1.717  1 14.31 ? 4   DTR C C   1 
HETATM 186 O O   . DTR C 1 4 ? -6.785  2.708   0.854  1 14.31 ? 4   DTR C O   1 
ATOM   187 N N   . LYS C 1 5 ? -6.953  1.851   2.950  1 14.31 ? 5   LYS C N   1 
ATOM   188 C CA  . LYS C 1 5 ? -8.004  2.727   3.459  1 14.31 ? 5   LYS C CA  1 
ATOM   189 C C   . LYS C 1 5 ? -7.618  4.195   3.573  1 14.31 ? 5   LYS C C   1 
ATOM   190 O O   . LYS C 1 5 ? -8.467  5.045   3.824  1 14.31 ? 5   LYS C O   1 
ATOM   191 C CB  . LYS C 1 5 ? -8.549  2.195   4.791  1 14.31 ? 5   LYS C CB  1 
ATOM   192 C CG  . LYS C 1 5 ? -9.343  0.905   4.669  1 14.31 ? 5   LYS C CG  1 
ATOM   193 C CD  . LYS C 1 5 ? -10.631 1.118   3.888  1 14.31 ? 5   LYS C CD  1 
ATOM   194 C CE  . LYS C 1 5 ? -11.308 -0.204  3.569  1 14.31 ? 5   LYS C CE  1 
ATOM   195 N NZ  . LYS C 1 5 ? -12.592 -0.015  2.846  1 14.31 ? 5   LYS C NZ  1 
ATOM   196 N N   . THR C 1 6 ? -6.335  4.488   3.432  1 14.31 ? 6   THR C N   1 
ATOM   197 C CA  . THR C 1 6 ? -5.872  5.863   3.498  1 14.31 ? 6   THR C CA  1 
ATOM   198 C C   . THR C 1 6 ? -6.128  6.601   2.175  1 14.31 ? 6   THR C C   1 
ATOM   199 O O   . THR C 1 6 ? -5.931  7.808   2.071  1 14.31 ? 6   THR C O   1 
ATOM   200 C CB  . THR C 1 6 ? -4.403  5.938   3.924  1 14.31 ? 6   THR C CB  1 
ATOM   201 O OG1 . THR C 1 6 ? -4.247  5.215   5.150  1 14.31 ? 6   THR C OG1 1 
ATOM   202 C CG2 . THR C 1 6 ? -3.993  7.373   4.139  1 14.31 ? 6   THR C CG2 1 
ATOM   203 N N   . CYS C 1 7 ? -6.570  5.854   1.170  1 14.31 ? 7   CYS C N   1 
ATOM   204 C CA  . CYS C 1 7 ? -6.867  6.386   -0.156 1 14.31 ? 7   CYS C CA  1 
ATOM   205 C C   . CYS C 1 7 ? -8.298  6.908   -0.215 1 14.31 ? 7   CYS C C   1 
ATOM   206 O O   . CYS C 1 7 ? -8.649  7.694   -1.086 1 14.31 ? 7   CYS C O   1 
ATOM   207 C CB  . CYS C 1 7 ? -6.706  5.299   -1.208 1 14.31 ? 7   CYS C CB  1 
ATOM   208 S SG  . CYS C 1 7 ? -5.025  4.708   -1.436 1 14.31 ? 7   CYS C SG  1 
ATOM   209 N N   . THR C 1 8 ? -9.125  6.456   0.718  1 14.31 ? 8   THR C N   1 
ATOM   210 C CA  . THR C 1 8 ? -10.507 6.897   0.779  1 14.31 ? 8   THR C CA  1 
ATOM   211 C C   . THR C 1 8 ? -10.592 8.070   1.751  1 14.31 ? 8   THR C C   1 
ATOM   212 O O   . THR C 1 8 ? -11.489 8.055   2.647  1 14.31 ? 8   THR C O   1 
ATOM   213 C CB  . THR C 1 8 ? -11.453 5.762   1.214  1 14.31 ? 8   THR C CB  1 
ATOM   214 O OG1 . THR C 1 8 ? -10.894 5.069   2.339  1 14.31 ? 8   THR C OG1 1 
ATOM   215 C CG2 . THR C 1 8 ? -11.669 4.777   0.067  1 14.31 ? 8   THR C CG2 1 
ATOM   216 O OXT . THR C 1 8 ? -9.733  8.986   1.599  1 14.31 ? 8   THR C OXT 1 
HETATM 217 C C1  . OXL D 2 . ? 2.653   2.508   -7.458 1 47.37 ? 101 OXL A C1  1 
HETATM 218 C C2  . OXL D 2 . ? 3.093   3.893   -7.315 1 47.37 ? 101 OXL A C2  1 
HETATM 219 O O1  . OXL D 2 . ? 1.440   2.274   -7.667 1 47.37 ? 101 OXL A O1  1 
HETATM 220 O O2  . OXL D 2 . ? 2.244   4.809   -7.412 1 47.37 ? 101 OXL A O2  1 
HETATM 221 O O3  . OXL D 2 . ? 3.502   1.592   -7.368 1 47.37 ? 101 OXL A O3  1 
HETATM 222 O O4  . OXL D 2 . ? 4.304   4.127   -7.099 1 47.37 ? 101 OXL A O4  1 
HETATM 223 O O   . HOH E 3 . ? 10.595  -1.293  -5.790 1 11.62 ? 201 HOH A O   1 
HETATM 224 O O   . HOH E 3 . ? 5.876   6.312   -6.823 1 11.62 ? 202 HOH A O   1 
HETATM 225 O O   . HOH E 3 . ? 3.730   6.623   -5.983 1 11.62 ? 203 HOH A O   1 
HETATM 226 O O   . HOH E 3 . ? 9.493   3.607   -5.598 1 11.62 ? 204 HOH A O   1 
HETATM 227 O O   . HOH E 3 . ? 0.180   0.748   -9.764 1 11.62 ? 205 HOH A O   1 
HETATM 228 O O   . HOH E 3 . ? 3.051   0.060   -4.889 1 11.62 ? 206 HOH A O   1 
HETATM 229 O O   . HOH E 3 . ? -9.971  -3.255  -4.025 1 11.62 ? 207 HOH A O   1 
HETATM 230 O O   . HOH E 3 . ? -10.241 -5.647  0.956  1 11.62 ? 208 HOH A O   1 
HETATM 231 O O   . HOH E 3 . ? 8.992   5.668   -6.394 1 11.62 ? 209 HOH A O   1 
HETATM 232 O O   . HOH E 3 . ? 10.035  6.893   -4.585 1 11.62 ? 210 HOH A O   1 
HETATM 233 O O   . HOH F 3 . ? 3.457   -1.044  12.209 1 11.62 ? 101 HOH B O   1 
HETATM 234 O O   . HOH F 3 . ? 9.739   -7.440  -6.380 1 11.62 ? 102 HOH B O   1 
HETATM 235 O O   . HOH F 3 . ? 8.916   -9.143  -1.982 1 11.62 ? 103 HOH B O   1 
HETATM 236 O O   . HOH F 3 . ? -6.622  -9.869  4.439  1 11.62 ? 104 HOH B O   1 
HETATM 237 O O   . HOH F 3 . ? 0.800   -0.637  8.401  1 11.62 ? 105 HOH B O   1 
HETATM 238 O O   . HOH G 3 . ? -6.008  0.570   4.552  1 11.62 ? 101 HOH C O   1 
HETATM 239 O O   . HOH G 3 . ? -9.224  10.008  -1.821 1 11.62 ? 102 HOH C O   1 
HETATM 240 O O   . HOH G 3 . ? -5.492  3.752   6.992  1 11.62 ? 103 HOH C O   1 
HETATM 241 O O   . HOH G 3 . ? -14.526 -1.920  2.691  1 11.62 ? 104 HOH C O   1 
HETATM 242 O O   . HOH G 3 . ? 0.093   10.369  -0.810 1 11.62 ? 105 HOH C O   1 
HETATM 243 O O   . HOH G 3 . ? -12.290 10.581  3.753  1 11.62 ? 106 HOH C O   1 
HETATM 244 O O   . HOH G 3 . ? 2.237   10.398  -1.579 1 11.62 ? 107 HOH C O   1 
HETATM 245 O O   . HOH G 3 . ? -10.622 11.404  -0.217 1 11.62 ? 108 HOH C O   1 
HETATM 246 O O   . HOH G 3 . ? -0.274  9.299   1.528  1 11.62 ? 109 HOH C O   1 
HETATM 247 O O   . HOH G 3 . ? 4.137   7.699   -0.553 1 11.62 ? 110 HOH C O   1 
HETATM 248 O O   . HOH G 3 . ? -14.166 3.597   2.067  1 11.62 ? 111 HOH C O   1 
HETATM 249 O O   . HOH G 3 . ? -13.849 7.778   5.457  1 11.62 ? 112 HOH C O   1 
HETATM 250 O O   . HOH G 3 . ? 3.397   6.746   1.599  1 11.62 ? 113 HOH C O   1 
HETATM 251 O O   . HOH G 3 . ? -14.413 2.152   -0.166 1 11.62 ? 114 HOH C O   1 
HETATM 252 O O   . HOH G 3 . ? -12.410 -2.934  -0.881 1 11.62 ? 115 HOH C O   1 
HETATM 253 O O   . HOH G 3 . ? -13.763 -1.011  -1.602 1 11.62 ? 116 HOH C O   1 
# 
